data_3THE
#
_entry.id   3THE
#
_cell.length_a   87.418
_cell.length_b   87.418
_cell.length_c   67.253
_cell.angle_alpha   90.00
_cell.angle_beta   90.00
_cell.angle_gamma   120.00
#
_symmetry.space_group_name_H-M   'P 3'
#
loop_
_entity.id
_entity.type
_entity.pdbx_description
1 polymer Arginase-1
2 non-polymer 'COBALT (II) ION'
3 non-polymer BICINE
4 water water
#
_entity_poly.entity_id   1
_entity_poly.type   'polypeptide(L)'
_entity_poly.pdbx_seq_one_letter_code
;MSAKSRTIGIIGAPFSKGQPRGGVEEGPTVLRKAGLLEKLKEQECDVKDYGDLPFADIPNDSPFQIVKNPRSVGKASEQL
AGKVAEVKKNGRISLVLGGDHSLAIGSISGHARVHPDLGVIWVDAHTDINTPLTTTSGNLHGQPVSFLLKELKGKIPDVP
GFSWVTPCISAKDIVYIGLRDVDPGEHYILKTLGIKYFSMTEVDRLGIGKVMEETLSYLLGRKKRPIHLSFDVDGLDPSF
TPATGTPVVGGLTYREGLYITEEIYKTGLLSGLDIMEVNPSLGKTPEEVTRTVNTAVAITLACFGLAREGNHKPIDYLNP
PK
;
_entity_poly.pdbx_strand_id   A,B
#
# COMPACT_ATOMS: atom_id res chain seq x y z
N ARG A 6 -26.21 4.44 28.91
CA ARG A 6 -25.85 3.11 28.34
C ARG A 6 -24.48 2.67 28.91
N THR A 7 -24.42 1.44 29.43
CA THR A 7 -23.18 0.90 30.01
C THR A 7 -22.20 0.41 28.94
N ILE A 8 -20.97 0.90 29.00
CA ILE A 8 -19.94 0.58 27.99
C ILE A 8 -18.62 -0.01 28.51
N GLY A 9 -18.00 -0.83 27.66
CA GLY A 9 -16.72 -1.44 28.00
C GLY A 9 -15.77 -1.25 26.84
N ILE A 10 -14.83 -0.31 26.96
CA ILE A 10 -13.88 0.00 25.91
C ILE A 10 -12.67 -0.91 25.81
N ILE A 11 -12.44 -1.43 24.61
CA ILE A 11 -11.30 -2.30 24.35
C ILE A 11 -10.50 -1.71 23.19
N GLY A 12 -9.21 -1.50 23.40
CA GLY A 12 -8.36 -0.95 22.36
C GLY A 12 -7.66 -2.07 21.62
N ALA A 13 -7.73 -2.04 20.29
CA ALA A 13 -7.11 -3.08 19.47
C ALA A 13 -6.12 -2.49 18.48
N PRO A 14 -4.92 -2.13 18.96
CA PRO A 14 -3.89 -1.55 18.09
C PRO A 14 -3.19 -2.62 17.25
N PHE A 15 -3.82 -2.99 16.14
CA PHE A 15 -3.28 -4.02 15.26
C PHE A 15 -3.51 -3.63 13.81
N SER A 16 -2.53 -3.89 12.95
CA SER A 16 -2.68 -3.52 11.54
C SER A 16 -2.20 -4.57 10.55
N LYS A 17 -1.85 -5.76 11.03
CA LYS A 17 -1.35 -6.81 10.16
C LYS A 17 -2.38 -7.44 9.22
N GLY A 18 -3.64 -7.01 9.33
CA GLY A 18 -4.64 -7.56 8.43
C GLY A 18 -4.50 -6.88 7.09
N GLN A 19 -3.77 -5.77 7.07
CA GLN A 19 -3.57 -5.00 5.85
C GLN A 19 -2.14 -4.45 5.76
N PRO A 20 -1.72 -4.01 4.55
CA PRO A 20 -0.38 -3.47 4.29
C PRO A 20 0.02 -2.04 4.69
N ARG A 21 -0.94 -1.18 5.00
CA ARG A 21 -0.61 0.20 5.35
C ARG A 21 -0.51 0.48 6.85
N GLY A 22 0.72 0.74 7.30
CA GLY A 22 0.95 1.02 8.71
C GLY A 22 0.31 2.31 9.17
N GLY A 23 -0.01 2.37 10.46
CA GLY A 23 -0.62 3.57 11.01
C GLY A 23 -1.97 3.29 11.66
N VAL A 24 -2.62 2.20 11.26
CA VAL A 24 -3.92 1.83 11.80
C VAL A 24 -3.87 1.39 13.26
N GLU A 25 -2.70 0.92 13.70
CA GLU A 25 -2.55 0.47 15.09
C GLU A 25 -2.78 1.63 16.02
N GLU A 26 -2.60 2.84 15.51
CA GLU A 26 -2.75 4.06 16.29
C GLU A 26 -4.19 4.51 16.48
N GLY A 27 -5.12 3.85 15.79
CA GLY A 27 -6.53 4.22 15.92
C GLY A 27 -6.96 4.41 17.36
N PRO A 28 -6.74 3.42 18.23
CA PRO A 28 -7.12 3.50 19.65
C PRO A 28 -6.59 4.75 20.35
N THR A 29 -5.32 5.05 20.13
CA THR A 29 -4.70 6.20 20.75
C THR A 29 -5.24 7.55 20.28
N VAL A 30 -5.35 7.73 18.97
CA VAL A 30 -5.88 8.99 18.43
C VAL A 30 -7.32 9.19 18.84
N LEU A 31 -8.07 8.11 18.95
CA LEU A 31 -9.48 8.19 19.34
C LEU A 31 -9.59 8.53 20.82
N ARG A 32 -8.73 7.97 21.65
CA ARG A 32 -8.76 8.28 23.07
C ARG A 32 -8.25 9.70 23.25
N LYS A 33 -7.25 10.06 22.45
CA LYS A 33 -6.65 11.38 22.49
C LYS A 33 -7.67 12.49 22.24
N ALA A 34 -8.59 12.22 21.32
CA ALA A 34 -9.65 13.16 20.96
C ALA A 34 -10.67 13.31 22.10
N GLY A 35 -10.53 12.48 23.13
CA GLY A 35 -11.41 12.56 24.28
C GLY A 35 -12.65 11.68 24.25
N LEU A 36 -12.58 10.54 23.56
CA LEU A 36 -13.73 9.64 23.46
C LEU A 36 -14.33 9.20 24.80
N LEU A 37 -13.48 8.81 25.75
CA LEU A 37 -14.01 8.36 27.03
C LEU A 37 -14.68 9.50 27.78
N GLU A 38 -14.03 10.67 27.78
CA GLU A 38 -14.59 11.83 28.45
C GLU A 38 -15.95 12.15 27.84
N LYS A 39 -15.98 12.31 26.53
CA LYS A 39 -17.21 12.64 25.83
C LYS A 39 -18.36 11.66 26.11
N LEU A 40 -18.05 10.38 26.24
CA LEU A 40 -19.09 9.39 26.52
C LEU A 40 -19.65 9.62 27.91
N LYS A 41 -18.77 9.87 28.86
CA LYS A 41 -19.16 10.12 30.24
C LYS A 41 -20.14 11.29 30.34
N GLU A 42 -19.77 12.41 29.73
CA GLU A 42 -20.61 13.60 29.73
C GLU A 42 -22.00 13.25 29.22
N GLN A 43 -22.02 12.29 28.31
CA GLN A 43 -23.23 11.79 27.70
C GLN A 43 -23.91 10.90 28.74
N GLU A 44 -24.94 10.19 28.34
CA GLU A 44 -25.62 9.29 29.28
C GLU A 44 -24.85 7.95 29.27
N CYS A 45 -23.66 7.91 29.87
CA CYS A 45 -22.89 6.66 29.82
C CYS A 45 -22.00 6.34 31.00
N ASP A 46 -21.97 5.06 31.34
CA ASP A 46 -21.13 4.53 32.41
C ASP A 46 -20.03 3.78 31.67
N VAL A 47 -18.88 4.43 31.51
CA VAL A 47 -17.79 3.83 30.77
C VAL A 47 -16.69 3.18 31.60
N LYS A 48 -16.19 2.05 31.11
CA LYS A 48 -15.11 1.34 31.77
C LYS A 48 -14.08 0.99 30.70
N ASP A 49 -12.82 1.35 30.94
CA ASP A 49 -11.75 1.08 29.99
C ASP A 49 -11.02 -0.21 30.33
N TYR A 50 -11.00 -1.14 29.38
CA TYR A 50 -10.32 -2.42 29.57
C TYR A 50 -8.90 -2.32 29.00
N GLY A 51 -8.53 -1.09 28.62
CA GLY A 51 -7.20 -0.84 28.08
C GLY A 51 -7.00 -1.34 26.66
N ASP A 52 -5.77 -1.25 26.18
CA ASP A 52 -5.43 -1.70 24.84
C ASP A 52 -4.85 -3.11 24.90
N LEU A 53 -5.47 -4.03 24.16
CA LEU A 53 -4.98 -5.40 24.14
C LEU A 53 -3.51 -5.43 23.74
N PRO A 54 -2.67 -6.09 24.55
CA PRO A 54 -1.25 -6.18 24.26
C PRO A 54 -0.98 -7.36 23.33
N PHE A 55 -0.92 -7.08 22.04
CA PHE A 55 -0.68 -8.11 21.01
C PHE A 55 0.81 -8.46 20.92
N ALA A 56 1.18 -9.65 21.36
CA ALA A 56 2.57 -10.10 21.35
C ALA A 56 3.09 -10.55 19.99
N ASP A 57 4.40 -10.80 19.91
CA ASP A 57 5.03 -11.25 18.68
C ASP A 57 4.67 -12.68 18.35
N ILE A 58 4.48 -12.96 17.06
CA ILE A 58 4.14 -14.29 16.59
C ILE A 58 5.33 -14.79 15.78
N PRO A 59 6.16 -15.65 16.38
CA PRO A 59 7.35 -16.22 15.73
C PRO A 59 7.26 -16.50 14.22
N ASN A 60 6.99 -17.75 13.86
CA ASN A 60 6.90 -18.15 12.46
C ASN A 60 5.78 -17.50 11.68
N ASP A 61 5.47 -16.24 11.97
CA ASP A 61 4.39 -15.54 11.28
C ASP A 61 4.61 -15.49 9.77
N SER A 62 4.69 -16.68 9.18
CA SER A 62 4.92 -16.85 7.77
C SER A 62 3.61 -16.84 6.97
N PRO A 63 3.65 -16.32 5.73
CA PRO A 63 2.47 -16.26 4.89
C PRO A 63 1.96 -17.64 4.55
N PHE A 64 0.66 -17.83 4.68
CA PHE A 64 0.01 -19.10 4.37
C PHE A 64 -0.48 -18.93 2.93
N GLN A 65 0.30 -19.42 1.98
CA GLN A 65 -0.05 -19.27 0.57
C GLN A 65 -0.05 -17.76 0.31
N ILE A 66 -1.16 -17.26 -0.19
CA ILE A 66 -1.27 -15.82 -0.48
C ILE A 66 -1.65 -15.05 0.78
N VAL A 67 -2.17 -15.75 1.78
CA VAL A 67 -2.59 -15.13 3.03
C VAL A 67 -1.42 -14.64 3.88
N LYS A 68 -1.41 -13.34 4.17
CA LYS A 68 -0.35 -12.75 4.94
C LYS A 68 -0.65 -12.63 6.45
N ASN A 69 0.42 -12.73 7.24
CA ASN A 69 0.33 -12.64 8.70
C ASN A 69 -0.83 -13.39 9.33
N PRO A 70 -1.17 -14.59 8.81
CA PRO A 70 -2.28 -15.33 9.37
C PRO A 70 -2.19 -15.60 10.86
N ARG A 71 -1.01 -15.97 11.34
CA ARG A 71 -0.84 -16.28 12.76
C ARG A 71 -1.03 -15.05 13.64
N SER A 72 -0.49 -13.93 13.21
CA SER A 72 -0.60 -12.67 13.95
C SER A 72 -2.04 -12.24 13.97
N VAL A 73 -2.62 -12.10 12.79
CA VAL A 73 -4.01 -11.69 12.67
C VAL A 73 -4.92 -12.64 13.43
N GLY A 74 -4.68 -13.93 13.27
CA GLY A 74 -5.51 -14.92 13.95
C GLY A 74 -5.42 -14.83 15.45
N LYS A 75 -4.20 -14.74 15.95
CA LYS A 75 -3.98 -14.66 17.39
C LYS A 75 -4.57 -13.37 17.94
N ALA A 76 -4.42 -12.30 17.17
CA ALA A 76 -4.94 -11.00 17.57
C ALA A 76 -6.46 -11.10 17.79
N SER A 77 -7.17 -11.67 16.81
CA SER A 77 -8.61 -11.80 16.91
C SER A 77 -8.97 -12.76 18.03
N GLU A 78 -8.16 -13.81 18.19
CA GLU A 78 -8.43 -14.78 19.25
C GLU A 78 -8.43 -14.10 20.61
N GLN A 79 -7.47 -13.21 20.84
CA GLN A 79 -7.36 -12.50 22.12
C GLN A 79 -8.50 -11.50 22.31
N LEU A 80 -8.82 -10.80 21.23
CA LEU A 80 -9.88 -9.83 21.26
C LEU A 80 -11.17 -10.55 21.63
N ALA A 81 -11.43 -11.67 20.96
CA ALA A 81 -12.62 -12.45 21.21
C ALA A 81 -12.80 -12.72 22.70
N GLY A 82 -11.72 -13.14 23.35
CA GLY A 82 -11.78 -13.44 24.77
C GLY A 82 -12.09 -12.21 25.59
N LYS A 83 -11.53 -11.07 25.19
CA LYS A 83 -11.76 -9.82 25.92
C LYS A 83 -13.19 -9.35 25.77
N VAL A 84 -13.72 -9.45 24.57
CA VAL A 84 -15.09 -9.02 24.30
C VAL A 84 -16.05 -9.90 25.09
N ALA A 85 -15.80 -11.20 25.05
CA ALA A 85 -16.63 -12.17 25.76
C ALA A 85 -16.67 -11.77 27.23
N GLU A 86 -15.53 -11.29 27.71
CA GLU A 86 -15.41 -10.87 29.09
C GLU A 86 -16.28 -9.66 29.39
N VAL A 87 -16.25 -8.65 28.51
CA VAL A 87 -17.05 -7.46 28.76
C VAL A 87 -18.55 -7.73 28.62
N LYS A 88 -18.92 -8.66 27.72
CA LYS A 88 -20.32 -9.00 27.53
C LYS A 88 -20.83 -9.74 28.77
N LYS A 89 -19.93 -10.40 29.46
CA LYS A 89 -20.32 -11.13 30.66
C LYS A 89 -20.49 -10.15 31.82
N ASN A 90 -19.79 -9.03 31.75
CA ASN A 90 -19.89 -8.02 32.79
C ASN A 90 -21.09 -7.11 32.54
N GLY A 91 -21.97 -7.53 31.62
CA GLY A 91 -23.16 -6.76 31.29
C GLY A 91 -22.94 -5.45 30.58
N ARG A 92 -21.87 -5.35 29.81
CA ARG A 92 -21.57 -4.11 29.11
C ARG A 92 -21.56 -4.26 27.60
N ILE A 93 -21.83 -3.16 26.91
CA ILE A 93 -21.78 -3.17 25.46
C ILE A 93 -20.28 -3.10 25.14
N SER A 94 -19.78 -3.97 24.26
CA SER A 94 -18.37 -3.96 23.92
C SER A 94 -18.04 -2.92 22.88
N LEU A 95 -17.08 -2.04 23.19
CA LEU A 95 -16.69 -1.00 22.26
C LEU A 95 -15.24 -1.22 21.82
N VAL A 96 -15.07 -1.76 20.62
CA VAL A 96 -13.74 -2.04 20.09
C VAL A 96 -13.25 -0.91 19.19
N LEU A 97 -12.08 -0.38 19.55
CA LEU A 97 -11.43 0.69 18.79
C LEU A 97 -10.23 -0.02 18.22
N GLY A 98 -10.09 -0.07 16.91
CA GLY A 98 -8.93 -0.79 16.43
C GLY A 98 -8.19 -0.31 15.22
N GLY A 99 -7.49 -1.28 14.65
CA GLY A 99 -6.72 -1.06 13.44
C GLY A 99 -7.60 -1.59 12.33
N ASP A 100 -7.07 -2.54 11.56
CA ASP A 100 -7.82 -3.08 10.43
C ASP A 100 -9.03 -3.89 10.84
N HIS A 101 -9.90 -4.11 9.86
CA HIS A 101 -11.16 -4.82 10.05
C HIS A 101 -11.04 -6.32 10.28
N SER A 102 -9.85 -6.86 10.15
CA SER A 102 -9.67 -8.29 10.38
C SER A 102 -10.13 -8.58 11.80
N LEU A 103 -9.91 -7.63 12.69
CA LEU A 103 -10.29 -7.78 14.08
C LEU A 103 -11.78 -8.10 14.30
N ALA A 104 -12.61 -7.90 13.28
CA ALA A 104 -14.04 -8.19 13.42
C ALA A 104 -14.23 -9.67 13.68
N ILE A 105 -13.23 -10.46 13.30
CA ILE A 105 -13.31 -11.90 13.51
C ILE A 105 -13.37 -12.14 15.02
N GLY A 106 -12.46 -11.52 15.76
CA GLY A 106 -12.44 -11.67 17.20
C GLY A 106 -13.60 -10.99 17.94
N SER A 107 -13.94 -9.78 17.50
CA SER A 107 -15.03 -9.02 18.11
C SER A 107 -16.37 -9.74 18.03
N ILE A 108 -16.77 -10.13 16.83
CA ILE A 108 -18.04 -10.83 16.65
C ILE A 108 -18.02 -12.22 17.27
N SER A 109 -16.95 -12.97 17.08
CA SER A 109 -16.86 -14.31 17.65
C SER A 109 -16.98 -14.23 19.17
N GLY A 110 -16.23 -13.32 19.77
CA GLY A 110 -16.29 -13.17 21.21
C GLY A 110 -17.68 -12.78 21.66
N HIS A 111 -18.31 -11.89 20.91
CA HIS A 111 -19.66 -11.43 21.23
C HIS A 111 -20.68 -12.55 21.10
N ALA A 112 -20.57 -13.32 20.02
CA ALA A 112 -21.50 -14.41 19.79
C ALA A 112 -21.45 -15.48 20.90
N ARG A 113 -20.33 -15.59 21.61
CA ARG A 113 -20.21 -16.58 22.67
C ARG A 113 -21.20 -16.31 23.80
N VAL A 114 -21.39 -15.04 24.12
CA VAL A 114 -22.29 -14.64 25.19
C VAL A 114 -23.70 -14.38 24.65
N HIS A 115 -23.78 -13.94 23.40
CA HIS A 115 -25.08 -13.66 22.78
C HIS A 115 -25.12 -14.25 21.39
N PRO A 116 -25.23 -15.59 21.31
CA PRO A 116 -25.29 -16.34 20.04
C PRO A 116 -26.39 -15.95 19.06
N ASP A 117 -27.35 -15.16 19.52
CA ASP A 117 -28.47 -14.74 18.67
C ASP A 117 -28.35 -13.32 18.09
N LEU A 118 -27.17 -12.74 18.17
CA LEU A 118 -26.95 -11.39 17.66
C LEU A 118 -27.14 -11.27 16.14
N GLY A 119 -27.37 -10.04 15.70
CA GLY A 119 -27.52 -9.75 14.28
C GLY A 119 -26.44 -8.74 13.99
N VAL A 120 -25.83 -8.81 12.81
CA VAL A 120 -24.75 -7.91 12.44
C VAL A 120 -25.11 -6.86 11.39
N ILE A 121 -24.64 -5.63 11.61
CA ILE A 121 -24.84 -4.53 10.67
C ILE A 121 -23.43 -4.15 10.29
N TRP A 122 -23.10 -4.32 9.01
CA TRP A 122 -21.75 -4.05 8.50
C TRP A 122 -21.72 -2.81 7.60
N VAL A 123 -21.27 -1.68 8.13
CA VAL A 123 -21.18 -0.43 7.38
C VAL A 123 -19.77 -0.37 6.79
N ASP A 124 -19.69 -0.50 5.48
CA ASP A 124 -18.39 -0.57 4.81
C ASP A 124 -18.58 -0.30 3.31
N ALA A 125 -17.51 0.10 2.64
CA ALA A 125 -17.59 0.33 1.20
C ALA A 125 -17.32 -1.03 0.56
N HIS A 126 -16.85 -1.97 1.38
CA HIS A 126 -16.52 -3.32 0.92
C HIS A 126 -17.24 -4.42 1.70
N THR A 127 -17.33 -5.61 1.12
CA THR A 127 -17.99 -6.73 1.78
C THR A 127 -17.05 -7.50 2.72
N ASP A 128 -15.75 -7.32 2.53
CA ASP A 128 -14.78 -8.01 3.38
C ASP A 128 -15.23 -9.45 3.48
N ILE A 129 -15.56 -10.06 2.36
CA ILE A 129 -16.02 -11.43 2.41
C ILE A 129 -15.21 -12.37 1.54
N ASN A 130 -14.05 -11.91 1.11
CA ASN A 130 -13.18 -12.76 0.30
C ASN A 130 -12.76 -13.92 1.19
N THR A 131 -12.50 -15.08 0.59
CA THR A 131 -12.06 -16.22 1.37
C THR A 131 -10.58 -16.32 1.12
N PRO A 132 -9.88 -17.18 1.86
CA PRO A 132 -8.44 -17.30 1.64
C PRO A 132 -8.23 -17.81 0.21
N LEU A 133 -9.30 -18.33 -0.38
CA LEU A 133 -9.28 -18.88 -1.73
C LEU A 133 -9.68 -17.90 -2.83
N THR A 134 -10.43 -16.86 -2.48
CA THR A 134 -10.86 -15.89 -3.47
C THR A 134 -10.03 -14.60 -3.45
N THR A 135 -9.46 -14.28 -2.28
CA THR A 135 -8.67 -13.06 -2.14
C THR A 135 -7.52 -13.00 -3.15
N THR A 136 -7.30 -11.82 -3.73
CA THR A 136 -6.23 -11.63 -4.68
C THR A 136 -5.06 -10.91 -4.01
N SER A 137 -5.29 -10.40 -2.81
CA SER A 137 -4.25 -9.67 -2.08
C SER A 137 -3.67 -10.45 -0.91
N GLY A 138 -4.50 -11.28 -0.28
CA GLY A 138 -4.04 -12.04 0.86
C GLY A 138 -4.26 -11.33 2.19
N ASN A 139 -4.65 -10.05 2.12
CA ASN A 139 -4.91 -9.24 3.31
C ASN A 139 -6.17 -9.70 4.03
N LEU A 140 -6.03 -10.06 5.31
CA LEU A 140 -7.17 -10.55 6.08
C LEU A 140 -8.24 -9.53 6.45
N HIS A 141 -7.95 -8.24 6.35
CA HIS A 141 -8.95 -7.23 6.68
C HIS A 141 -10.04 -7.24 5.60
N GLY A 142 -9.79 -7.96 4.52
CA GLY A 142 -10.77 -8.05 3.45
C GLY A 142 -11.47 -9.41 3.40
N GLN A 143 -11.26 -10.22 4.45
CA GLN A 143 -11.85 -11.56 4.54
C GLN A 143 -12.56 -11.89 5.85
N PRO A 144 -12.57 -10.97 6.83
CA PRO A 144 -13.24 -11.33 8.08
C PRO A 144 -14.58 -12.05 7.97
N VAL A 145 -15.50 -11.50 7.20
CA VAL A 145 -16.83 -12.08 7.06
C VAL A 145 -16.81 -13.54 6.62
N SER A 146 -15.82 -13.92 5.80
CA SER A 146 -15.74 -15.30 5.35
C SER A 146 -15.56 -16.29 6.50
N PHE A 147 -14.74 -15.93 7.50
CA PHE A 147 -14.48 -16.80 8.64
C PHE A 147 -15.62 -16.90 9.65
N LEU A 148 -16.53 -15.94 9.63
CA LEU A 148 -17.65 -15.89 10.57
C LEU A 148 -18.93 -16.57 10.11
N LEU A 149 -19.10 -16.73 8.79
CA LEU A 149 -20.31 -17.33 8.25
C LEU A 149 -20.34 -18.85 8.25
N LYS A 150 -21.45 -19.38 8.74
CA LYS A 150 -21.65 -20.82 8.80
C LYS A 150 -21.72 -21.40 7.39
N GLU A 151 -22.39 -20.68 6.48
CA GLU A 151 -22.55 -21.11 5.09
C GLU A 151 -21.23 -21.45 4.41
N LEU A 152 -20.17 -20.74 4.78
CA LEU A 152 -18.86 -20.98 4.18
C LEU A 152 -18.02 -21.95 5.02
N LYS A 153 -18.67 -22.71 5.89
CA LYS A 153 -17.98 -23.69 6.72
C LYS A 153 -17.68 -24.92 5.88
N GLY A 154 -16.65 -24.82 5.04
CA GLY A 154 -16.28 -25.94 4.18
C GLY A 154 -15.73 -25.40 2.88
N LYS A 155 -15.85 -24.07 2.72
CA LYS A 155 -15.36 -23.37 1.54
C LYS A 155 -14.14 -22.56 1.96
N ILE A 156 -13.67 -22.79 3.18
CA ILE A 156 -12.51 -22.07 3.71
C ILE A 156 -11.46 -23.00 4.32
N PRO A 157 -10.22 -22.92 3.82
CA PRO A 157 -9.08 -23.72 4.28
C PRO A 157 -8.79 -23.48 5.74
N ASP A 158 -8.08 -24.41 6.37
CA ASP A 158 -7.71 -24.21 7.76
C ASP A 158 -6.44 -23.37 7.70
N VAL A 159 -6.58 -22.08 8.00
CA VAL A 159 -5.45 -21.14 7.97
C VAL A 159 -4.76 -21.08 9.33
N PRO A 160 -3.43 -21.15 9.34
CA PRO A 160 -2.67 -21.10 10.60
C PRO A 160 -3.03 -19.86 11.43
N GLY A 161 -3.51 -20.08 12.65
CA GLY A 161 -3.86 -18.98 13.52
C GLY A 161 -5.35 -18.83 13.78
N PHE A 162 -6.16 -19.54 13.02
CA PHE A 162 -7.61 -19.45 13.20
C PHE A 162 -8.27 -20.77 13.59
N SER A 163 -7.48 -21.71 14.10
CA SER A 163 -8.02 -23.01 14.53
C SER A 163 -9.14 -22.81 15.56
N TRP A 164 -9.02 -21.73 16.34
CA TRP A 164 -9.99 -21.41 17.39
C TRP A 164 -11.32 -20.88 16.86
N VAL A 165 -11.37 -20.55 15.58
CA VAL A 165 -12.58 -19.98 14.99
C VAL A 165 -13.70 -20.96 14.70
N THR A 166 -14.92 -20.54 15.06
CA THR A 166 -16.13 -21.31 14.84
C THR A 166 -17.18 -20.37 14.21
N PRO A 167 -17.53 -20.59 12.93
CA PRO A 167 -18.51 -19.75 12.25
C PRO A 167 -19.67 -19.55 13.21
N CYS A 168 -19.89 -18.32 13.63
CA CYS A 168 -20.94 -18.05 14.61
C CYS A 168 -22.20 -17.39 14.07
N ILE A 169 -22.17 -16.89 12.84
CA ILE A 169 -23.37 -16.24 12.32
C ILE A 169 -23.79 -16.78 10.96
N SER A 170 -25.08 -16.67 10.68
CA SER A 170 -25.63 -17.13 9.42
C SER A 170 -25.73 -15.99 8.43
N ALA A 171 -25.77 -16.33 7.14
CA ALA A 171 -25.87 -15.34 6.08
C ALA A 171 -27.13 -14.50 6.20
N LYS A 172 -28.11 -15.01 6.93
CA LYS A 172 -29.38 -14.30 7.13
C LYS A 172 -29.34 -13.41 8.36
N ASP A 173 -28.24 -13.44 9.09
CA ASP A 173 -28.13 -12.63 10.30
C ASP A 173 -27.15 -11.47 10.11
N ILE A 174 -27.00 -11.03 8.87
CA ILE A 174 -26.10 -9.92 8.58
C ILE A 174 -26.65 -9.00 7.48
N VAL A 175 -26.42 -7.70 7.65
CA VAL A 175 -26.85 -6.72 6.67
C VAL A 175 -25.72 -5.74 6.39
N TYR A 176 -25.43 -5.53 5.11
CA TYR A 176 -24.39 -4.61 4.65
C TYR A 176 -25.04 -3.28 4.30
N ILE A 177 -24.33 -2.18 4.52
CA ILE A 177 -24.82 -0.85 4.16
C ILE A 177 -23.66 0.00 3.65
N GLY A 178 -23.75 0.47 2.41
CA GLY A 178 -22.71 1.31 1.85
C GLY A 178 -21.77 0.74 0.81
N LEU A 179 -21.98 -0.52 0.41
CA LEU A 179 -21.11 -1.16 -0.56
C LEU A 179 -20.96 -0.40 -1.88
N ARG A 180 -19.74 -0.35 -2.39
CA ARG A 180 -19.47 0.31 -3.66
C ARG A 180 -18.18 -0.16 -4.34
N ASP A 181 -17.49 -1.10 -3.71
CA ASP A 181 -16.26 -1.65 -4.26
C ASP A 181 -16.17 -3.11 -3.82
N VAL A 182 -16.85 -3.98 -4.58
CA VAL A 182 -16.91 -5.39 -4.28
C VAL A 182 -16.27 -6.22 -5.39
N ASP A 183 -15.43 -7.19 -5.01
CA ASP A 183 -14.76 -8.04 -6.00
C ASP A 183 -15.71 -9.07 -6.59
N PRO A 184 -15.46 -9.49 -7.85
CA PRO A 184 -16.31 -10.47 -8.52
C PRO A 184 -16.52 -11.71 -7.65
N GLY A 185 -15.44 -12.13 -6.99
CA GLY A 185 -15.51 -13.28 -6.11
C GLY A 185 -16.46 -13.02 -4.96
N GLU A 186 -16.40 -11.81 -4.41
CA GLU A 186 -17.26 -11.41 -3.30
C GLU A 186 -18.73 -11.31 -3.73
N HIS A 187 -18.96 -10.71 -4.90
CA HIS A 187 -20.32 -10.54 -5.41
C HIS A 187 -21.00 -11.89 -5.63
N TYR A 188 -20.24 -12.86 -6.10
CA TYR A 188 -20.78 -14.19 -6.33
C TYR A 188 -21.31 -14.75 -5.01
N ILE A 189 -20.49 -14.70 -3.98
CA ILE A 189 -20.86 -15.19 -2.66
C ILE A 189 -22.05 -14.39 -2.14
N LEU A 190 -21.91 -13.07 -2.15
CA LEU A 190 -22.97 -12.18 -1.70
C LEU A 190 -24.33 -12.57 -2.27
N LYS A 191 -24.40 -12.63 -3.59
CA LYS A 191 -25.65 -12.99 -4.26
C LYS A 191 -26.05 -14.42 -3.95
N THR A 192 -25.13 -15.36 -4.17
CA THR A 192 -25.37 -16.77 -3.94
C THR A 192 -25.95 -17.09 -2.57
N LEU A 193 -25.37 -16.51 -1.52
CA LEU A 193 -25.86 -16.77 -0.16
C LEU A 193 -27.14 -15.98 0.18
N GLY A 194 -27.60 -15.16 -0.74
CA GLY A 194 -28.81 -14.37 -0.52
C GLY A 194 -28.69 -13.40 0.64
N ILE A 195 -27.48 -12.90 0.87
CA ILE A 195 -27.24 -11.95 1.95
C ILE A 195 -27.91 -10.60 1.71
N LYS A 196 -28.51 -10.05 2.76
CA LYS A 196 -29.19 -8.76 2.71
C LYS A 196 -28.17 -7.63 2.61
N TYR A 197 -28.32 -6.76 1.61
CA TYR A 197 -27.38 -5.66 1.44
C TYR A 197 -28.04 -4.43 0.85
N PHE A 198 -27.46 -3.27 1.15
CA PHE A 198 -27.91 -2.00 0.62
C PHE A 198 -26.66 -1.29 0.11
N SER A 199 -26.36 -1.49 -1.17
CA SER A 199 -25.19 -0.83 -1.74
C SER A 199 -25.55 0.65 -1.86
N MET A 200 -24.59 1.46 -2.25
CA MET A 200 -24.87 2.88 -2.40
C MET A 200 -26.03 3.08 -3.37
N THR A 201 -26.23 2.09 -4.25
CA THR A 201 -27.31 2.11 -5.23
C THR A 201 -28.64 2.08 -4.49
N GLU A 202 -28.73 1.18 -3.52
CA GLU A 202 -29.93 1.01 -2.69
C GLU A 202 -30.14 2.22 -1.80
N VAL A 203 -29.04 2.79 -1.31
CA VAL A 203 -29.13 3.98 -0.47
C VAL A 203 -29.64 5.16 -1.32
N ASP A 204 -29.17 5.25 -2.55
CA ASP A 204 -29.60 6.33 -3.46
C ASP A 204 -31.08 6.20 -3.80
N ARG A 205 -31.49 4.99 -4.15
CA ARG A 205 -32.86 4.69 -4.50
C ARG A 205 -33.86 4.90 -3.38
N LEU A 206 -33.60 4.21 -2.27
CA LEU A 206 -34.49 4.22 -1.10
C LEU A 206 -34.37 5.36 -0.11
N GLY A 207 -33.17 5.89 0.06
CA GLY A 207 -32.98 6.94 1.05
C GLY A 207 -32.54 6.21 2.30
N ILE A 208 -31.74 6.88 3.13
CA ILE A 208 -31.22 6.27 4.34
C ILE A 208 -32.31 5.92 5.36
N GLY A 209 -33.41 6.66 5.35
CA GLY A 209 -34.49 6.37 6.29
C GLY A 209 -35.10 5.01 6.01
N LYS A 210 -35.42 4.77 4.74
CA LYS A 210 -36.00 3.49 4.33
C LYS A 210 -34.96 2.40 4.51
N VAL A 211 -33.71 2.70 4.17
CA VAL A 211 -32.61 1.76 4.30
C VAL A 211 -32.52 1.24 5.74
N MET A 212 -32.54 2.16 6.69
CA MET A 212 -32.46 1.76 8.07
C MET A 212 -33.71 0.98 8.49
N GLU A 213 -34.87 1.45 8.03
CA GLU A 213 -36.12 0.76 8.35
C GLU A 213 -36.05 -0.71 7.91
N GLU A 214 -35.66 -0.92 6.66
CA GLU A 214 -35.57 -2.26 6.10
C GLU A 214 -34.44 -3.11 6.70
N THR A 215 -33.38 -2.45 7.15
CA THR A 215 -32.26 -3.17 7.74
C THR A 215 -32.70 -3.76 9.09
N LEU A 216 -33.38 -2.93 9.88
CA LEU A 216 -33.84 -3.33 11.19
C LEU A 216 -35.02 -4.28 11.15
N SER A 217 -35.87 -4.13 10.15
CA SER A 217 -37.03 -4.99 10.01
C SER A 217 -36.54 -6.41 9.72
N TYR A 218 -35.59 -6.51 8.81
CA TYR A 218 -35.01 -7.78 8.40
C TYR A 218 -34.37 -8.53 9.55
N LEU A 219 -33.53 -7.83 10.31
CA LEU A 219 -32.84 -8.42 11.45
C LEU A 219 -33.68 -8.68 12.71
N LEU A 220 -34.61 -7.81 13.04
CA LEU A 220 -35.41 -7.98 14.25
C LEU A 220 -36.88 -8.32 14.05
N GLY A 221 -37.26 -8.62 12.80
CA GLY A 221 -38.65 -8.93 12.51
C GLY A 221 -39.26 -10.06 13.34
N ARG A 222 -38.68 -11.24 13.26
CA ARG A 222 -39.16 -12.41 13.98
C ARG A 222 -39.07 -12.23 15.49
N LYS A 223 -37.95 -11.68 15.95
CA LYS A 223 -37.75 -11.44 17.38
C LYS A 223 -36.60 -10.48 17.64
N LYS A 224 -36.67 -9.78 18.78
CA LYS A 224 -35.61 -8.85 19.14
C LYS A 224 -34.37 -9.67 19.46
N ARG A 225 -33.20 -9.06 19.27
CA ARG A 225 -31.93 -9.74 19.51
C ARG A 225 -30.81 -8.71 19.56
N PRO A 226 -29.72 -9.04 20.27
CA PRO A 226 -28.57 -8.14 20.39
C PRO A 226 -28.04 -7.74 19.02
N ILE A 227 -27.72 -6.46 18.85
CA ILE A 227 -27.19 -5.97 17.59
C ILE A 227 -25.71 -5.62 17.68
N HIS A 228 -24.95 -6.08 16.69
CA HIS A 228 -23.52 -5.80 16.62
C HIS A 228 -23.28 -4.91 15.41
N LEU A 229 -22.73 -3.72 15.65
CA LEU A 229 -22.44 -2.81 14.55
C LEU A 229 -20.95 -2.79 14.28
N SER A 230 -20.56 -3.33 13.12
CA SER A 230 -19.16 -3.33 12.73
C SER A 230 -19.05 -2.17 11.72
N PHE A 231 -18.39 -1.10 12.15
CA PHE A 231 -18.27 0.10 11.34
C PHE A 231 -16.86 0.37 10.79
N ASP A 232 -16.71 0.23 9.47
CA ASP A 232 -15.43 0.50 8.80
C ASP A 232 -15.55 1.95 8.37
N VAL A 233 -14.70 2.84 8.89
CA VAL A 233 -14.81 4.25 8.53
C VAL A 233 -14.74 4.55 7.04
N ASP A 234 -14.34 3.59 6.21
CA ASP A 234 -14.28 3.86 4.78
C ASP A 234 -15.67 3.70 4.16
N GLY A 235 -16.63 3.31 4.98
CA GLY A 235 -18.00 3.19 4.50
C GLY A 235 -18.47 4.59 4.14
N LEU A 236 -17.98 5.59 4.86
CA LEU A 236 -18.34 6.98 4.59
C LEU A 236 -17.46 7.49 3.46
N ASP A 237 -17.89 8.54 2.80
CA ASP A 237 -17.12 9.12 1.72
C ASP A 237 -15.80 9.71 2.20
N PRO A 238 -14.71 9.48 1.46
CA PRO A 238 -13.42 10.03 1.90
C PRO A 238 -13.38 11.53 2.17
N SER A 239 -14.43 12.25 1.82
CA SER A 239 -14.46 13.68 2.07
C SER A 239 -14.68 13.92 3.57
N PHE A 240 -15.12 12.89 4.28
CA PHE A 240 -15.36 12.97 5.73
C PHE A 240 -14.35 12.13 6.51
N THR A 241 -13.98 10.97 5.96
CA THR A 241 -13.02 10.07 6.59
C THR A 241 -11.88 9.70 5.63
N PRO A 242 -11.07 10.71 5.21
CA PRO A 242 -9.96 10.44 4.29
C PRO A 242 -8.79 9.64 4.85
N ALA A 243 -8.54 9.77 6.15
CA ALA A 243 -7.43 9.06 6.78
C ALA A 243 -7.79 7.60 7.05
N THR A 244 -7.80 6.81 5.99
CA THR A 244 -8.14 5.39 6.08
C THR A 244 -7.46 4.69 4.89
N GLY A 245 -7.18 3.40 5.04
CA GLY A 245 -6.48 2.64 4.00
C GLY A 245 -7.08 2.48 2.62
N THR A 246 -8.35 2.08 2.55
CA THR A 246 -9.00 1.87 1.27
C THR A 246 -10.23 2.76 1.08
N PRO A 247 -10.01 4.04 0.76
CA PRO A 247 -11.12 4.97 0.56
C PRO A 247 -11.73 4.84 -0.84
N VAL A 248 -13.04 4.97 -0.91
CA VAL A 248 -13.75 4.86 -2.17
C VAL A 248 -14.73 6.03 -2.24
N VAL A 249 -14.73 6.70 -3.39
CA VAL A 249 -15.59 7.85 -3.60
C VAL A 249 -17.07 7.48 -3.75
N GLY A 250 -17.93 8.44 -3.47
CA GLY A 250 -19.36 8.24 -3.56
C GLY A 250 -19.91 7.42 -2.41
N GLY A 251 -19.46 7.70 -1.18
CA GLY A 251 -19.94 6.93 -0.05
C GLY A 251 -20.96 7.62 0.83
N LEU A 252 -21.18 7.06 2.02
CA LEU A 252 -22.13 7.64 2.96
C LEU A 252 -21.71 9.05 3.36
N THR A 253 -22.67 9.95 3.47
CA THR A 253 -22.37 11.32 3.88
C THR A 253 -22.27 11.29 5.40
N TYR A 254 -21.81 12.39 5.97
CA TYR A 254 -21.67 12.53 7.41
C TYR A 254 -23.05 12.36 8.03
N ARG A 255 -24.03 13.02 7.44
CA ARG A 255 -25.40 12.94 7.90
C ARG A 255 -25.94 11.50 7.90
N GLU A 256 -25.71 10.77 6.81
CA GLU A 256 -26.18 9.38 6.72
C GLU A 256 -25.46 8.51 7.76
N GLY A 257 -24.20 8.84 8.02
CA GLY A 257 -23.45 8.08 9.01
C GLY A 257 -24.03 8.29 10.39
N LEU A 258 -24.42 9.52 10.69
CA LEU A 258 -25.01 9.84 11.99
C LEU A 258 -26.44 9.34 12.07
N TYR A 259 -27.11 9.25 10.94
CA TYR A 259 -28.49 8.77 10.93
C TYR A 259 -28.54 7.28 11.21
N ILE A 260 -27.56 6.56 10.68
CA ILE A 260 -27.46 5.12 10.84
C ILE A 260 -27.30 4.78 12.31
N THR A 261 -26.36 5.45 12.98
CA THR A 261 -26.09 5.20 14.39
C THR A 261 -27.21 5.65 15.34
N GLU A 262 -27.80 6.82 15.07
CA GLU A 262 -28.88 7.32 15.91
C GLU A 262 -30.01 6.29 15.89
N GLU A 263 -30.29 5.77 14.70
CA GLU A 263 -31.34 4.76 14.53
C GLU A 263 -31.02 3.51 15.35
N ILE A 264 -29.81 3.00 15.20
CA ILE A 264 -29.39 1.81 15.92
C ILE A 264 -29.51 2.06 17.42
N TYR A 265 -29.11 3.24 17.85
CA TYR A 265 -29.18 3.57 19.27
C TYR A 265 -30.60 3.44 19.81
N LYS A 266 -31.55 4.00 19.07
CA LYS A 266 -32.93 3.98 19.50
C LYS A 266 -33.60 2.63 19.52
N THR A 267 -32.96 1.62 18.94
CA THR A 267 -33.56 0.29 18.98
C THR A 267 -33.45 -0.19 20.42
N GLY A 268 -32.39 0.27 21.09
CA GLY A 268 -32.13 -0.11 22.48
C GLY A 268 -31.46 -1.47 22.52
N LEU A 269 -31.08 -1.97 21.35
CA LEU A 269 -30.46 -3.28 21.23
C LEU A 269 -28.99 -3.32 20.85
N LEU A 270 -28.33 -2.16 20.79
CA LEU A 270 -26.92 -2.15 20.45
C LEU A 270 -26.19 -2.96 21.51
N SER A 271 -25.44 -3.99 21.11
CA SER A 271 -24.75 -4.82 22.09
C SER A 271 -23.25 -4.95 21.86
N GLY A 272 -22.81 -4.59 20.66
CA GLY A 272 -21.40 -4.65 20.32
C GLY A 272 -21.09 -3.63 19.25
N LEU A 273 -19.95 -2.95 19.36
CA LEU A 273 -19.59 -1.93 18.39
C LEU A 273 -18.12 -1.95 17.99
N ASP A 274 -17.86 -1.85 16.69
CA ASP A 274 -16.50 -1.82 16.18
C ASP A 274 -16.31 -0.53 15.42
N ILE A 275 -15.22 0.17 15.70
CA ILE A 275 -14.89 1.42 15.01
C ILE A 275 -13.52 1.13 14.41
N MET A 276 -13.50 0.68 13.16
CA MET A 276 -12.27 0.27 12.52
C MET A 276 -11.73 1.08 11.35
N GLU A 277 -10.51 0.71 10.97
CA GLU A 277 -9.79 1.27 9.84
C GLU A 277 -9.38 2.74 9.92
N VAL A 278 -9.36 3.30 11.12
CA VAL A 278 -8.95 4.70 11.27
C VAL A 278 -7.42 4.73 11.24
N ASN A 279 -6.84 5.38 10.23
CA ASN A 279 -5.38 5.43 10.14
C ASN A 279 -4.85 6.88 10.16
N PRO A 280 -4.40 7.34 11.33
CA PRO A 280 -3.86 8.68 11.56
C PRO A 280 -2.68 9.03 10.67
N SER A 281 -1.98 8.01 10.18
CA SER A 281 -0.81 8.25 9.33
C SER A 281 -1.17 8.48 7.86
N LEU A 282 -2.40 8.16 7.48
CA LEU A 282 -2.82 8.29 6.08
C LEU A 282 -3.52 9.56 5.63
N GLY A 283 -3.21 10.69 6.25
CA GLY A 283 -3.85 11.92 5.81
C GLY A 283 -2.94 12.70 4.86
N LYS A 284 -3.52 13.43 3.92
CA LYS A 284 -2.72 14.23 2.99
C LYS A 284 -2.31 15.49 3.76
N THR A 285 -3.06 15.80 4.81
CA THR A 285 -2.78 16.97 5.65
C THR A 285 -3.23 16.68 7.08
N PRO A 286 -2.71 17.44 8.04
CA PRO A 286 -3.09 17.24 9.45
C PRO A 286 -4.60 17.31 9.59
N GLU A 287 -5.19 18.28 8.90
CA GLU A 287 -6.63 18.50 8.94
C GLU A 287 -7.39 17.24 8.53
N GLU A 288 -6.91 16.54 7.50
CA GLU A 288 -7.60 15.34 7.06
C GLU A 288 -7.65 14.30 8.18
N VAL A 289 -6.61 14.29 9.00
CA VAL A 289 -6.55 13.35 10.11
C VAL A 289 -7.54 13.75 11.19
N THR A 290 -7.57 15.03 11.52
CA THR A 290 -8.50 15.51 12.53
C THR A 290 -9.93 15.27 12.07
N ARG A 291 -10.23 15.62 10.82
CA ARG A 291 -11.56 15.43 10.28
C ARG A 291 -12.03 13.99 10.45
N THR A 292 -11.17 13.06 10.05
CA THR A 292 -11.48 11.63 10.13
C THR A 292 -11.71 11.16 11.56
N VAL A 293 -10.86 11.62 12.48
CA VAL A 293 -10.98 11.25 13.88
C VAL A 293 -12.25 11.85 14.50
N ASN A 294 -12.51 13.11 14.19
CA ASN A 294 -13.69 13.77 14.73
C ASN A 294 -14.97 13.10 14.25
N THR A 295 -14.94 12.61 13.02
CA THR A 295 -16.11 11.95 12.44
C THR A 295 -16.32 10.60 13.10
N ALA A 296 -15.24 9.87 13.35
CA ALA A 296 -15.30 8.56 13.98
C ALA A 296 -15.90 8.72 15.38
N VAL A 297 -15.49 9.78 16.07
CA VAL A 297 -15.98 10.04 17.42
C VAL A 297 -17.48 10.37 17.44
N ALA A 298 -17.88 11.25 16.52
CA ALA A 298 -19.27 11.68 16.41
C ALA A 298 -20.19 10.50 16.14
N ILE A 299 -19.68 9.53 15.38
CA ILE A 299 -20.42 8.32 15.03
C ILE A 299 -20.58 7.46 16.28
N THR A 300 -19.51 7.32 17.04
CA THR A 300 -19.54 6.52 18.25
C THR A 300 -20.49 7.13 19.27
N LEU A 301 -20.37 8.45 19.46
CA LEU A 301 -21.22 9.15 20.39
C LEU A 301 -22.70 8.96 20.05
N ALA A 302 -23.03 8.95 18.77
CA ALA A 302 -24.41 8.78 18.33
C ALA A 302 -24.92 7.37 18.63
N CYS A 303 -24.02 6.39 18.62
CA CYS A 303 -24.40 5.02 18.92
C CYS A 303 -24.85 4.91 20.36
N PHE A 304 -24.34 5.81 21.19
CA PHE A 304 -24.65 5.79 22.61
C PHE A 304 -25.56 6.89 23.14
N GLY A 305 -26.37 7.49 22.27
CA GLY A 305 -27.31 8.49 22.75
C GLY A 305 -27.25 9.91 22.22
N LEU A 306 -26.09 10.33 21.74
CA LEU A 306 -25.94 11.69 21.23
C LEU A 306 -26.89 11.96 20.04
N ALA A 307 -27.88 12.82 20.24
CA ALA A 307 -28.84 13.14 19.19
C ALA A 307 -28.67 14.56 18.64
N ARG A 308 -28.87 14.71 17.34
CA ARG A 308 -28.75 16.02 16.70
C ARG A 308 -29.85 16.99 17.14
N GLU A 309 -31.00 16.46 17.53
CA GLU A 309 -32.11 17.32 17.97
C GLU A 309 -31.85 17.88 19.37
N GLY A 310 -30.84 17.34 20.06
CA GLY A 310 -30.52 17.80 21.39
C GLY A 310 -30.74 16.71 22.44
N ASN A 311 -30.16 16.90 23.62
CA ASN A 311 -30.29 15.92 24.69
C ASN A 311 -30.50 16.57 26.06
N HIS A 312 -31.05 15.80 27.00
CA HIS A 312 -31.26 16.21 28.38
C HIS A 312 -31.82 15.05 29.23
N LYS A 313 -31.60 15.08 30.54
CA LYS A 313 -32.07 14.03 31.42
C LYS A 313 -33.49 14.31 31.96
N PRO A 314 -34.10 13.33 32.66
CA PRO A 314 -35.46 13.45 33.23
C PRO A 314 -35.67 14.22 34.55
N ILE A 315 -35.81 15.54 34.44
CA ILE A 315 -36.04 16.44 35.59
C ILE A 315 -36.46 17.85 35.13
N ASP A 316 -36.55 18.77 36.08
CA ASP A 316 -36.93 20.17 35.79
C ASP A 316 -35.67 21.04 35.69
N TYR A 317 -35.48 21.67 34.54
CA TYR A 317 -34.32 22.53 34.29
C TYR A 317 -34.47 23.96 34.78
N LEU A 318 -35.64 24.55 34.58
CA LEU A 318 -35.87 25.92 35.02
C LEU A 318 -35.92 26.03 36.55
N ASN A 319 -35.99 24.87 37.22
CA ASN A 319 -36.06 24.79 38.69
C ASN A 319 -37.45 25.08 39.22
N ARG B 6 14.71 -7.38 -29.07
CA ARG B 6 13.85 -6.23 -28.71
C ARG B 6 14.33 -4.95 -29.42
N THR B 7 13.54 -3.89 -29.38
CA THR B 7 13.88 -2.64 -30.06
C THR B 7 14.07 -1.50 -29.05
N ILE B 8 15.21 -0.81 -29.12
CA ILE B 8 15.53 0.25 -28.16
C ILE B 8 15.87 1.65 -28.66
N GLY B 9 15.72 2.61 -27.75
CA GLY B 9 16.06 3.99 -28.02
C GLY B 9 17.09 4.32 -26.94
N ILE B 10 18.36 4.47 -27.33
CA ILE B 10 19.41 4.74 -26.36
C ILE B 10 19.52 6.22 -26.00
N ILE B 11 19.56 6.51 -24.71
CA ILE B 11 19.67 7.89 -24.25
C ILE B 11 20.78 8.03 -23.20
N GLY B 12 21.72 8.93 -23.46
CA GLY B 12 22.80 9.16 -22.52
C GLY B 12 22.39 10.29 -21.59
N ALA B 13 22.68 10.13 -20.30
CA ALA B 13 22.33 11.13 -19.31
C ALA B 13 23.51 11.35 -18.35
N PRO B 14 24.56 12.04 -18.83
CA PRO B 14 25.75 12.33 -18.03
C PRO B 14 25.44 13.38 -16.96
N PHE B 15 24.76 12.96 -15.89
CA PHE B 15 24.39 13.87 -14.81
C PHE B 15 24.91 13.35 -13.47
N SER B 16 25.37 14.26 -12.61
CA SER B 16 25.88 13.85 -11.32
C SER B 16 25.50 14.77 -10.14
N LYS B 17 24.82 15.88 -10.42
CA LYS B 17 24.44 16.80 -9.36
C LYS B 17 23.37 16.29 -8.39
N GLY B 18 22.89 15.06 -8.60
CA GLY B 18 21.89 14.52 -7.71
C GLY B 18 22.55 13.92 -6.48
N GLN B 19 23.89 13.91 -6.48
CA GLN B 19 24.66 13.34 -5.37
C GLN B 19 26.05 13.97 -5.26
N PRO B 20 26.77 13.70 -4.15
CA PRO B 20 28.11 14.18 -3.80
C PRO B 20 29.32 13.87 -4.68
N ARG B 21 29.63 12.59 -4.88
CA ARG B 21 30.79 12.16 -5.68
C ARG B 21 30.65 12.52 -7.16
N GLY B 22 31.69 13.12 -7.71
CA GLY B 22 31.66 13.54 -9.11
C GLY B 22 31.43 12.51 -10.21
N GLY B 23 32.52 11.91 -10.68
CA GLY B 23 32.51 10.91 -11.74
C GLY B 23 31.28 10.27 -12.36
N VAL B 24 30.17 10.16 -11.64
CA VAL B 24 28.95 9.53 -12.14
C VAL B 24 28.48 9.98 -13.51
N GLU B 25 28.82 11.21 -13.90
CA GLU B 25 28.40 11.72 -15.20
C GLU B 25 29.12 11.01 -16.35
N GLU B 26 30.19 10.29 -16.03
CA GLU B 26 30.95 9.55 -17.03
C GLU B 26 30.33 8.17 -17.26
N GLY B 27 29.28 7.86 -16.50
CA GLY B 27 28.62 6.58 -16.64
C GLY B 27 28.31 6.25 -18.09
N PRO B 28 27.64 7.15 -18.81
CA PRO B 28 27.29 6.93 -20.21
C PRO B 28 28.49 6.60 -21.07
N THR B 29 29.59 7.31 -20.83
CA THR B 29 30.82 7.11 -21.60
C THR B 29 31.46 5.73 -21.43
N VAL B 30 31.74 5.31 -20.20
CA VAL B 30 32.35 4.00 -19.96
C VAL B 30 31.46 2.86 -20.44
N LEU B 31 30.15 3.04 -20.35
CA LEU B 31 29.23 2.01 -20.78
C LEU B 31 29.32 1.85 -22.31
N ARG B 32 29.28 2.97 -23.02
CA ARG B 32 29.38 2.94 -24.48
C ARG B 32 30.73 2.35 -24.92
N LYS B 33 31.80 2.79 -24.26
CA LYS B 33 33.14 2.29 -24.58
C LYS B 33 33.23 0.79 -24.31
N ALA B 34 32.37 0.30 -23.43
CA ALA B 34 32.34 -1.11 -23.09
C ALA B 34 31.79 -1.90 -24.28
N GLY B 35 31.25 -1.18 -25.27
CA GLY B 35 30.70 -1.81 -26.45
C GLY B 35 29.25 -2.21 -26.32
N LEU B 36 28.53 -1.57 -25.40
CA LEU B 36 27.13 -1.87 -25.14
C LEU B 36 26.25 -1.91 -26.39
N LEU B 37 26.28 -0.85 -27.17
CA LEU B 37 25.45 -0.76 -28.38
C LEU B 37 25.72 -1.82 -29.43
N GLU B 38 26.99 -2.11 -29.69
CA GLU B 38 27.34 -3.11 -30.69
C GLU B 38 26.94 -4.49 -30.17
N LYS B 39 27.00 -4.67 -28.85
CA LYS B 39 26.64 -5.95 -28.27
C LYS B 39 25.13 -6.13 -28.31
N LEU B 40 24.38 -5.04 -28.18
CA LEU B 40 22.93 -5.13 -28.24
C LEU B 40 22.54 -5.58 -29.66
N LYS B 41 23.07 -4.88 -30.65
CA LYS B 41 22.80 -5.20 -32.05
C LYS B 41 23.11 -6.66 -32.37
N GLU B 42 24.14 -7.21 -31.72
CA GLU B 42 24.53 -8.60 -31.96
C GLU B 42 23.45 -9.59 -31.54
N GLN B 43 22.56 -9.17 -30.66
CA GLN B 43 21.46 -10.00 -30.22
C GLN B 43 20.33 -9.70 -31.20
N GLU B 44 19.10 -9.92 -30.78
CA GLU B 44 17.94 -9.63 -31.64
C GLU B 44 17.56 -8.17 -31.45
N CYS B 45 18.55 -7.27 -31.47
CA CYS B 45 18.25 -5.87 -31.21
C CYS B 45 18.36 -4.81 -32.30
N ASP B 46 17.32 -3.98 -32.32
CA ASP B 46 17.20 -2.84 -33.24
C ASP B 46 17.52 -1.67 -32.32
N VAL B 47 18.74 -1.14 -32.44
CA VAL B 47 19.18 -0.05 -31.59
C VAL B 47 19.29 1.30 -32.28
N LYS B 48 18.72 2.32 -31.67
CA LYS B 48 18.80 3.68 -32.20
C LYS B 48 19.38 4.52 -31.09
N ASP B 49 20.52 5.15 -31.36
CA ASP B 49 21.20 5.98 -30.38
C ASP B 49 20.70 7.40 -30.45
N TYR B 50 19.88 7.80 -29.47
CA TYR B 50 19.36 9.16 -29.44
C TYR B 50 20.41 10.11 -28.88
N GLY B 51 21.65 9.62 -28.78
CA GLY B 51 22.74 10.43 -28.29
C GLY B 51 22.78 10.67 -26.79
N ASP B 52 23.54 11.67 -26.37
CA ASP B 52 23.65 12.00 -24.96
C ASP B 52 23.09 13.39 -24.72
N LEU B 53 22.30 13.53 -23.67
CA LEU B 53 21.70 14.81 -23.32
C LEU B 53 22.77 15.82 -22.93
N PRO B 54 22.74 17.01 -23.55
CA PRO B 54 23.71 18.08 -23.29
C PRO B 54 23.44 18.79 -21.98
N PHE B 55 23.40 18.04 -20.88
CA PHE B 55 23.14 18.65 -19.59
C PHE B 55 24.16 19.77 -19.30
N ALA B 56 23.71 20.79 -18.59
CA ALA B 56 24.56 21.91 -18.20
C ALA B 56 24.05 22.38 -16.86
N ASP B 57 24.94 22.69 -15.93
CA ASP B 57 24.50 23.14 -14.62
C ASP B 57 23.72 24.44 -14.75
N ILE B 58 22.67 24.59 -13.95
CA ILE B 58 21.87 25.81 -13.97
C ILE B 58 22.57 26.81 -13.06
N PRO B 59 23.00 27.95 -13.64
CA PRO B 59 23.70 29.03 -12.94
C PRO B 59 23.67 29.05 -11.42
N ASN B 60 23.17 30.15 -10.88
CA ASN B 60 23.07 30.38 -9.45
C ASN B 60 22.15 29.36 -8.77
N ASP B 61 22.49 28.07 -8.85
CA ASP B 61 21.67 27.02 -8.27
C ASP B 61 21.85 26.80 -6.76
N SER B 62 21.43 27.78 -5.96
CA SER B 62 21.54 27.73 -4.50
C SER B 62 20.68 26.61 -3.92
N PRO B 63 21.00 26.14 -2.70
CA PRO B 63 20.21 25.06 -2.08
C PRO B 63 18.80 25.54 -1.79
N PHE B 64 17.84 24.64 -1.92
CA PHE B 64 16.46 24.97 -1.58
C PHE B 64 16.32 24.34 -0.21
N GLN B 65 16.48 25.16 0.82
CA GLN B 65 16.44 24.68 2.19
C GLN B 65 17.55 23.63 2.26
N ILE B 66 17.20 22.40 2.61
CA ILE B 66 18.22 21.36 2.70
C ILE B 66 18.58 20.76 1.35
N VAL B 67 17.64 20.79 0.41
CA VAL B 67 17.85 20.25 -0.92
C VAL B 67 19.02 20.89 -1.68
N LYS B 68 19.90 20.05 -2.24
CA LYS B 68 21.06 20.53 -2.98
C LYS B 68 20.84 20.54 -4.49
N ASN B 69 21.42 21.54 -5.16
CA ASN B 69 21.34 21.68 -6.62
C ASN B 69 19.95 21.40 -7.19
N PRO B 70 18.89 21.91 -6.54
CA PRO B 70 17.52 21.68 -7.01
C PRO B 70 17.29 21.94 -8.50
N ARG B 71 17.61 23.15 -8.94
CA ARG B 71 17.42 23.54 -10.33
C ARG B 71 18.13 22.68 -11.36
N SER B 72 19.42 22.40 -11.15
CA SER B 72 20.17 21.59 -12.11
C SER B 72 19.56 20.20 -12.23
N VAL B 73 19.23 19.60 -11.09
CA VAL B 73 18.64 18.28 -11.07
C VAL B 73 17.25 18.31 -11.69
N GLY B 74 16.45 19.32 -11.33
CA GLY B 74 15.11 19.43 -11.87
C GLY B 74 15.10 19.66 -13.38
N LYS B 75 16.09 20.41 -13.86
CA LYS B 75 16.19 20.70 -15.30
C LYS B 75 16.64 19.49 -16.10
N ALA B 76 17.61 18.75 -15.57
CA ALA B 76 18.11 17.57 -16.26
C ALA B 76 16.98 16.56 -16.42
N SER B 77 16.21 16.36 -15.35
CA SER B 77 15.10 15.41 -15.41
C SER B 77 14.02 15.90 -16.36
N GLU B 78 13.80 17.21 -16.40
CA GLU B 78 12.78 17.77 -17.28
C GLU B 78 13.17 17.45 -18.70
N GLN B 79 14.46 17.59 -18.99
CA GLN B 79 14.97 17.31 -20.33
C GLN B 79 14.84 15.82 -20.61
N LEU B 80 15.29 14.99 -19.67
CA LEU B 80 15.21 13.55 -19.85
C LEU B 80 13.78 13.09 -20.13
N ALA B 81 12.83 13.60 -19.34
CA ALA B 81 11.44 13.21 -19.54
C ALA B 81 11.05 13.47 -20.98
N GLY B 82 11.48 14.62 -21.51
CA GLY B 82 11.16 14.96 -22.88
C GLY B 82 11.66 13.96 -23.88
N LYS B 83 12.92 13.54 -23.75
CA LYS B 83 13.50 12.58 -24.69
C LYS B 83 12.90 11.19 -24.52
N VAL B 84 12.56 10.84 -23.28
CA VAL B 84 11.99 9.54 -23.00
C VAL B 84 10.61 9.43 -23.65
N ALA B 85 9.83 10.51 -23.56
CA ALA B 85 8.51 10.51 -24.16
C ALA B 85 8.66 10.38 -25.67
N GLU B 86 9.69 11.04 -26.20
CA GLU B 86 9.96 10.99 -27.63
C GLU B 86 10.26 9.58 -28.10
N VAL B 87 11.24 8.93 -27.47
CA VAL B 87 11.61 7.57 -27.83
C VAL B 87 10.42 6.61 -27.65
N LYS B 88 9.59 6.86 -26.64
CA LYS B 88 8.43 5.98 -26.41
C LYS B 88 7.41 6.19 -27.52
N LYS B 89 7.29 7.43 -28.00
CA LYS B 89 6.33 7.72 -29.06
C LYS B 89 6.81 7.10 -30.37
N ASN B 90 8.10 6.80 -30.47
CA ASN B 90 8.66 6.21 -31.67
C ASN B 90 8.63 4.69 -31.59
N GLY B 91 7.86 4.16 -30.64
CA GLY B 91 7.74 2.72 -30.48
C GLY B 91 9.04 2.01 -30.15
N ARG B 92 9.81 2.58 -29.23
CA ARG B 92 11.06 1.98 -28.83
C ARG B 92 11.17 1.91 -27.31
N ILE B 93 11.96 0.95 -26.84
CA ILE B 93 12.16 0.80 -25.40
C ILE B 93 13.26 1.79 -25.01
N SER B 94 12.92 2.75 -24.16
CA SER B 94 13.91 3.73 -23.75
C SER B 94 14.94 3.10 -22.83
N LEU B 95 16.22 3.28 -23.18
CA LEU B 95 17.32 2.76 -22.38
C LEU B 95 18.15 3.95 -21.95
N VAL B 96 17.98 4.37 -20.71
CA VAL B 96 18.72 5.50 -20.18
C VAL B 96 19.98 5.05 -19.49
N LEU B 97 21.12 5.59 -19.93
CA LEU B 97 22.41 5.30 -19.32
C LEU B 97 22.67 6.58 -18.55
N GLY B 98 22.64 6.50 -17.24
CA GLY B 98 22.84 7.73 -16.51
C GLY B 98 23.98 7.87 -15.55
N GLY B 99 23.84 8.93 -14.78
CA GLY B 99 24.77 9.27 -13.74
C GLY B 99 23.94 8.83 -12.56
N ASP B 100 23.68 9.74 -11.63
CA ASP B 100 22.91 9.40 -10.46
C ASP B 100 21.43 9.11 -10.73
N HIS B 101 20.84 8.38 -9.79
CA HIS B 101 19.45 7.96 -9.85
C HIS B 101 18.37 9.05 -9.80
N SER B 102 18.77 10.32 -9.66
CA SER B 102 17.79 11.41 -9.60
C SER B 102 17.06 11.47 -10.95
N LEU B 103 17.75 11.05 -12.00
CA LEU B 103 17.22 11.04 -13.37
C LEU B 103 15.96 10.19 -13.52
N ALA B 104 15.71 9.30 -12.56
CA ALA B 104 14.54 8.45 -12.62
C ALA B 104 13.28 9.31 -12.62
N ILE B 105 13.37 10.50 -12.02
CA ILE B 105 12.21 11.39 -11.98
C ILE B 105 11.80 11.73 -13.40
N GLY B 106 12.77 12.07 -14.24
CA GLY B 106 12.46 12.41 -15.61
C GLY B 106 12.16 11.19 -16.48
N SER B 107 12.90 10.11 -16.23
CA SER B 107 12.74 8.88 -16.99
C SER B 107 11.35 8.27 -16.82
N ILE B 108 10.89 8.16 -15.57
CA ILE B 108 9.57 7.59 -15.32
C ILE B 108 8.46 8.55 -15.73
N SER B 109 8.62 9.83 -15.40
CA SER B 109 7.61 10.82 -15.78
C SER B 109 7.40 10.81 -17.30
N GLY B 110 8.51 10.89 -18.04
CA GLY B 110 8.44 10.89 -19.49
C GLY B 110 7.78 9.65 -20.07
N HIS B 111 8.13 8.49 -19.50
CA HIS B 111 7.57 7.21 -19.95
C HIS B 111 6.07 7.15 -19.70
N ALA B 112 5.66 7.55 -18.50
CA ALA B 112 4.26 7.55 -18.11
C ALA B 112 3.40 8.47 -19.00
N ARG B 113 4.01 9.47 -19.62
CA ARG B 113 3.26 10.36 -20.49
C ARG B 113 2.67 9.55 -21.63
N VAL B 114 3.47 8.63 -22.15
CA VAL B 114 3.03 7.77 -23.25
C VAL B 114 2.27 6.58 -22.67
N HIS B 115 2.83 5.97 -21.63
CA HIS B 115 2.21 4.82 -21.00
C HIS B 115 1.85 5.12 -19.55
N PRO B 116 0.73 5.81 -19.34
CA PRO B 116 0.27 6.17 -17.99
C PRO B 116 -0.06 4.97 -17.10
N ASP B 117 -0.12 3.78 -17.68
CA ASP B 117 -0.45 2.58 -16.92
C ASP B 117 0.77 1.73 -16.58
N LEU B 118 1.97 2.29 -16.77
CA LEU B 118 3.20 1.55 -16.51
C LEU B 118 3.36 1.13 -15.05
N GLY B 119 4.11 0.05 -14.85
CA GLY B 119 4.37 -0.45 -13.51
C GLY B 119 5.86 -0.34 -13.30
N VAL B 120 6.29 -0.10 -12.07
CA VAL B 120 7.71 0.09 -11.80
C VAL B 120 8.37 -0.97 -10.93
N ILE B 121 9.53 -1.42 -11.36
CA ILE B 121 10.34 -2.37 -10.59
C ILE B 121 11.60 -1.58 -10.26
N TRP B 122 11.83 -1.35 -8.96
CA TRP B 122 12.97 -0.56 -8.52
C TRP B 122 14.01 -1.43 -7.80
N VAL B 123 15.11 -1.71 -8.49
CA VAL B 123 16.21 -2.53 -7.96
C VAL B 123 17.25 -1.59 -7.37
N ASP B 124 17.38 -1.64 -6.05
CA ASP B 124 18.26 -0.71 -5.36
C ASP B 124 18.45 -1.17 -3.91
N ALA B 125 19.60 -0.84 -3.33
CA ALA B 125 19.87 -1.16 -1.93
C ALA B 125 19.08 -0.15 -1.10
N HIS B 126 18.59 0.90 -1.76
CA HIS B 126 17.86 1.97 -1.11
C HIS B 126 16.48 2.18 -1.71
N THR B 127 15.64 2.90 -0.98
CA THR B 127 14.29 3.20 -1.44
C THR B 127 14.23 4.50 -2.22
N ASP B 128 15.19 5.39 -1.99
CA ASP B 128 15.20 6.67 -2.68
C ASP B 128 13.83 7.31 -2.59
N ILE B 129 13.19 7.20 -1.45
CA ILE B 129 11.85 7.74 -1.29
C ILE B 129 11.84 8.90 -0.31
N ASN B 130 13.01 9.44 0.01
CA ASN B 130 13.07 10.57 0.93
C ASN B 130 12.35 11.75 0.26
N THR B 131 11.69 12.58 1.05
CA THR B 131 11.02 13.74 0.50
C THR B 131 11.95 14.86 0.85
N PRO B 132 11.74 16.04 0.25
CA PRO B 132 12.61 17.18 0.56
C PRO B 132 12.58 17.52 2.05
N LEU B 133 11.51 17.11 2.70
CA LEU B 133 11.34 17.40 4.12
C LEU B 133 11.81 16.29 5.07
N THR B 134 12.16 15.13 4.54
CA THR B 134 12.63 14.03 5.37
C THR B 134 14.10 13.75 5.13
N THR B 135 14.60 14.18 3.98
CA THR B 135 16.01 13.97 3.65
C THR B 135 16.93 14.64 4.67
N THR B 136 18.08 14.03 4.89
CA THR B 136 19.05 14.56 5.83
C THR B 136 20.22 15.19 5.07
N SER B 137 20.50 14.65 3.89
CA SER B 137 21.60 15.15 3.06
C SER B 137 21.09 16.24 2.13
N GLY B 138 19.92 15.99 1.56
CA GLY B 138 19.35 16.95 0.63
C GLY B 138 19.72 16.54 -0.78
N ASN B 139 20.42 15.41 -0.91
CA ASN B 139 20.84 14.90 -2.21
C ASN B 139 19.66 14.28 -2.91
N LEU B 140 19.29 14.85 -4.05
CA LEU B 140 18.14 14.38 -4.79
C LEU B 140 18.16 12.96 -5.34
N HIS B 141 19.32 12.33 -5.42
CA HIS B 141 19.31 10.95 -5.93
C HIS B 141 18.67 10.01 -4.90
N GLY B 142 18.36 10.53 -3.73
CA GLY B 142 17.74 9.73 -2.70
C GLY B 142 16.31 10.13 -2.40
N GLN B 143 15.71 10.89 -3.32
CA GLN B 143 14.34 11.38 -3.19
C GLN B 143 13.50 11.22 -4.46
N PRO B 144 14.07 10.67 -5.56
CA PRO B 144 13.27 10.54 -6.79
C PRO B 144 11.88 9.96 -6.66
N VAL B 145 11.75 8.87 -5.93
CA VAL B 145 10.45 8.22 -5.80
C VAL B 145 9.36 9.10 -5.21
N SER B 146 9.69 9.94 -4.22
CA SER B 146 8.69 10.81 -3.58
C SER B 146 8.04 11.84 -4.52
N PHE B 147 8.76 12.29 -5.54
CA PHE B 147 8.20 13.26 -6.47
C PHE B 147 7.20 12.63 -7.45
N LEU B 148 7.32 11.31 -7.64
CA LEU B 148 6.48 10.57 -8.57
C LEU B 148 5.19 9.97 -7.98
N LEU B 149 5.19 9.61 -6.70
CA LEU B 149 4.02 9.00 -6.06
C LEU B 149 2.86 9.95 -5.82
N LYS B 150 1.71 9.62 -6.40
CA LYS B 150 0.52 10.45 -6.22
C LYS B 150 0.10 10.62 -4.76
N GLU B 151 0.16 9.54 -3.98
CA GLU B 151 -0.25 9.60 -2.57
C GLU B 151 0.56 10.58 -1.76
N LEU B 152 1.69 10.99 -2.32
CA LEU B 152 2.56 11.95 -1.65
C LEU B 152 2.29 13.35 -2.17
N LYS B 153 1.29 13.48 -3.03
CA LYS B 153 0.92 14.77 -3.58
C LYS B 153 0.36 15.61 -2.42
N GLY B 154 1.22 16.43 -1.84
CA GLY B 154 0.81 17.26 -0.72
C GLY B 154 1.84 17.18 0.41
N LYS B 155 2.93 16.47 0.17
CA LYS B 155 4.00 16.33 1.16
C LYS B 155 5.31 16.84 0.56
N ILE B 156 5.30 17.12 -0.75
CA ILE B 156 6.50 17.62 -1.43
C ILE B 156 6.39 19.13 -1.71
N PRO B 157 7.28 19.93 -1.11
CA PRO B 157 7.27 21.39 -1.33
C PRO B 157 7.57 21.72 -2.78
N ASP B 158 7.24 22.94 -3.20
CA ASP B 158 7.49 23.36 -4.57
C ASP B 158 8.97 23.68 -4.76
N VAL B 159 9.75 22.63 -5.03
CA VAL B 159 11.19 22.78 -5.22
C VAL B 159 11.48 23.42 -6.58
N PRO B 160 12.38 24.42 -6.60
CA PRO B 160 12.75 25.13 -7.83
C PRO B 160 13.32 24.17 -8.89
N GLY B 161 12.69 24.16 -10.06
CA GLY B 161 13.13 23.29 -11.13
C GLY B 161 12.26 22.06 -11.28
N PHE B 162 11.30 21.91 -10.37
CA PHE B 162 10.41 20.76 -10.40
C PHE B 162 8.92 21.08 -10.62
N SER B 163 8.60 22.27 -11.10
CA SER B 163 7.21 22.62 -11.33
C SER B 163 6.64 21.93 -12.58
N TRP B 164 7.48 21.19 -13.29
CA TRP B 164 7.05 20.46 -14.49
C TRP B 164 6.55 19.06 -14.12
N VAL B 165 6.95 18.60 -12.93
CA VAL B 165 6.59 17.27 -12.43
C VAL B 165 5.14 17.18 -11.94
N THR B 166 4.53 16.04 -12.19
CA THR B 166 3.16 15.76 -11.74
C THR B 166 3.20 14.29 -11.35
N PRO B 167 2.94 13.96 -10.08
CA PRO B 167 2.96 12.55 -9.65
C PRO B 167 2.33 11.70 -10.74
N CYS B 168 3.04 10.68 -11.21
CA CYS B 168 2.51 9.83 -12.27
C CYS B 168 2.38 8.37 -11.89
N ILE B 169 2.71 8.03 -10.66
CA ILE B 169 2.60 6.64 -10.26
C ILE B 169 1.96 6.45 -8.90
N SER B 170 1.13 5.42 -8.81
CA SER B 170 0.46 5.08 -7.58
C SER B 170 1.38 4.17 -6.78
N ALA B 171 1.33 4.30 -5.46
CA ALA B 171 2.15 3.50 -4.57
C ALA B 171 1.94 2.00 -4.78
N LYS B 172 0.79 1.63 -5.33
CA LYS B 172 0.49 0.22 -5.56
C LYS B 172 1.08 -0.28 -6.87
N ASP B 173 1.64 0.64 -7.65
CA ASP B 173 2.22 0.31 -8.94
C ASP B 173 3.75 0.22 -8.97
N ILE B 174 4.36 0.08 -7.80
CA ILE B 174 5.80 -0.03 -7.73
C ILE B 174 6.20 -1.15 -6.77
N VAL B 175 7.26 -1.87 -7.11
CA VAL B 175 7.77 -2.96 -6.29
C VAL B 175 9.27 -2.75 -6.12
N TYR B 176 9.74 -2.79 -4.87
CA TYR B 176 11.17 -2.63 -4.58
C TYR B 176 11.82 -3.99 -4.44
N ILE B 177 13.08 -4.07 -4.84
CA ILE B 177 13.84 -5.32 -4.70
C ILE B 177 15.28 -4.98 -4.34
N GLY B 178 15.77 -5.59 -3.26
CA GLY B 178 17.14 -5.39 -2.84
C GLY B 178 17.40 -4.45 -1.68
N LEU B 179 16.35 -3.97 -1.02
CA LEU B 179 16.53 -3.02 0.08
C LEU B 179 17.32 -3.55 1.27
N ARG B 180 18.22 -2.72 1.77
CA ARG B 180 19.02 -3.09 2.92
C ARG B 180 19.61 -1.87 3.63
N ASP B 181 19.20 -0.68 3.21
CA ASP B 181 19.67 0.58 3.82
C ASP B 181 18.60 1.67 3.67
N VAL B 182 17.64 1.67 4.59
CA VAL B 182 16.53 2.62 4.54
C VAL B 182 16.51 3.57 5.73
N ASP B 183 16.41 4.87 5.46
CA ASP B 183 16.36 5.87 6.53
C ASP B 183 15.06 5.69 7.27
N PRO B 184 15.02 6.10 8.56
CA PRO B 184 13.81 5.97 9.36
C PRO B 184 12.64 6.70 8.68
N GLY B 185 12.92 7.89 8.16
CA GLY B 185 11.87 8.65 7.49
C GLY B 185 11.37 7.88 6.28
N GLU B 186 12.28 7.22 5.58
CA GLU B 186 11.92 6.45 4.40
C GLU B 186 11.10 5.20 4.78
N HIS B 187 11.47 4.56 5.89
CA HIS B 187 10.75 3.38 6.33
C HIS B 187 9.31 3.74 6.65
N TYR B 188 9.14 4.82 7.40
CA TYR B 188 7.81 5.31 7.79
C TYR B 188 6.96 5.42 6.53
N ILE B 189 7.49 6.12 5.52
CA ILE B 189 6.78 6.31 4.25
C ILE B 189 6.46 4.98 3.59
N LEU B 190 7.48 4.13 3.48
CA LEU B 190 7.36 2.82 2.87
C LEU B 190 6.19 2.01 3.44
N LYS B 191 6.22 1.80 4.74
CA LYS B 191 5.19 1.01 5.39
C LYS B 191 3.83 1.70 5.48
N THR B 192 3.81 3.00 5.71
CA THR B 192 2.55 3.72 5.80
C THR B 192 1.78 3.59 4.48
N LEU B 193 2.47 3.81 3.36
CA LEU B 193 1.84 3.72 2.06
C LEU B 193 1.56 2.27 1.64
N GLY B 194 2.16 1.32 2.36
CA GLY B 194 1.94 -0.09 2.05
C GLY B 194 2.51 -0.53 0.70
N ILE B 195 3.63 0.08 0.28
CA ILE B 195 4.26 -0.27 -0.99
C ILE B 195 4.83 -1.67 -0.95
N LYS B 196 4.71 -2.37 -2.07
CA LYS B 196 5.20 -3.74 -2.18
C LYS B 196 6.73 -3.74 -2.24
N TYR B 197 7.37 -4.51 -1.37
CA TYR B 197 8.83 -4.56 -1.34
C TYR B 197 9.43 -5.90 -0.94
N PHE B 198 10.60 -6.18 -1.46
CA PHE B 198 11.33 -7.39 -1.11
C PHE B 198 12.72 -6.92 -0.73
N SER B 199 12.91 -6.61 0.54
CA SER B 199 14.21 -6.18 1.03
C SER B 199 15.08 -7.43 0.94
N MET B 200 16.36 -7.32 1.28
CA MET B 200 17.20 -8.49 1.23
C MET B 200 16.66 -9.57 2.18
N THR B 201 15.86 -9.14 3.16
CA THR B 201 15.29 -10.11 4.09
C THR B 201 14.34 -11.04 3.34
N GLU B 202 13.44 -10.46 2.56
CA GLU B 202 12.49 -11.26 1.78
C GLU B 202 13.23 -12.10 0.75
N VAL B 203 14.27 -11.55 0.15
CA VAL B 203 15.03 -12.30 -0.85
C VAL B 203 15.65 -13.52 -0.19
N ASP B 204 16.22 -13.35 0.99
CA ASP B 204 16.81 -14.49 1.69
C ASP B 204 15.72 -15.48 2.03
N ARG B 205 14.60 -14.95 2.49
CA ARG B 205 13.48 -15.80 2.88
C ARG B 205 12.91 -16.62 1.72
N LEU B 206 12.49 -15.95 0.66
CA LEU B 206 11.87 -16.61 -0.49
C LEU B 206 12.75 -17.22 -1.56
N GLY B 207 13.82 -16.53 -1.90
CA GLY B 207 14.70 -16.99 -2.95
C GLY B 207 14.32 -16.11 -4.15
N ILE B 208 15.31 -15.64 -4.89
CA ILE B 208 15.05 -14.77 -6.03
C ILE B 208 13.99 -15.34 -6.99
N GLY B 209 13.88 -16.66 -7.05
CA GLY B 209 12.89 -17.28 -7.92
C GLY B 209 11.46 -16.87 -7.59
N LYS B 210 11.08 -17.10 -6.34
CA LYS B 210 9.73 -16.76 -5.85
C LYS B 210 9.55 -15.24 -5.78
N VAL B 211 10.63 -14.51 -5.45
CA VAL B 211 10.55 -13.05 -5.37
C VAL B 211 10.07 -12.49 -6.70
N MET B 212 10.63 -13.01 -7.78
CA MET B 212 10.25 -12.57 -9.13
C MET B 212 8.84 -13.05 -9.49
N GLU B 213 8.48 -14.27 -9.07
CA GLU B 213 7.14 -14.78 -9.36
C GLU B 213 6.14 -13.86 -8.70
N GLU B 214 6.45 -13.46 -7.47
CA GLU B 214 5.59 -12.57 -6.70
C GLU B 214 5.55 -11.18 -7.29
N THR B 215 6.71 -10.66 -7.66
CA THR B 215 6.81 -9.33 -8.23
C THR B 215 6.01 -9.19 -9.51
N LEU B 216 6.17 -10.15 -10.43
CA LEU B 216 5.46 -10.11 -11.70
C LEU B 216 3.96 -10.34 -11.50
N SER B 217 3.61 -11.24 -10.60
CA SER B 217 2.21 -11.54 -10.35
C SER B 217 1.53 -10.31 -9.78
N TYR B 218 2.23 -9.61 -8.89
CA TYR B 218 1.71 -8.42 -8.26
C TYR B 218 1.48 -7.28 -9.25
N LEU B 219 2.45 -7.06 -10.14
CA LEU B 219 2.35 -5.99 -11.12
C LEU B 219 1.58 -6.32 -12.39
N LEU B 220 1.60 -7.57 -12.82
CA LEU B 220 0.92 -7.97 -14.04
C LEU B 220 -0.27 -8.88 -13.80
N GLY B 221 -0.52 -9.18 -12.52
CA GLY B 221 -1.63 -10.05 -12.16
C GLY B 221 -2.89 -9.79 -12.95
N ARG B 222 -3.51 -8.63 -12.72
CA ARG B 222 -4.74 -8.25 -13.40
C ARG B 222 -4.45 -8.09 -14.90
N LYS B 223 -4.36 -6.85 -15.34
CA LYS B 223 -4.09 -6.58 -16.74
C LYS B 223 -2.60 -6.44 -16.97
N LYS B 224 -2.12 -6.96 -18.10
CA LYS B 224 -0.72 -6.86 -18.43
C LYS B 224 -0.46 -5.40 -18.78
N ARG B 225 0.67 -4.85 -18.31
CA ARG B 225 1.00 -3.46 -18.57
C ARG B 225 2.50 -3.23 -18.83
N PRO B 226 2.87 -2.05 -19.35
CA PRO B 226 4.27 -1.75 -19.64
C PRO B 226 5.09 -1.78 -18.35
N ILE B 227 6.29 -2.35 -18.41
CA ILE B 227 7.12 -2.40 -17.21
C ILE B 227 8.30 -1.44 -17.30
N HIS B 228 8.50 -0.69 -16.23
CA HIS B 228 9.64 0.23 -16.17
C HIS B 228 10.59 -0.28 -15.12
N LEU B 229 11.80 -0.62 -15.54
CA LEU B 229 12.81 -1.09 -14.62
C LEU B 229 13.88 -0.02 -14.40
N SER B 230 13.96 0.47 -13.18
CA SER B 230 14.95 1.46 -12.82
C SER B 230 15.97 0.67 -12.01
N PHE B 231 17.17 0.51 -12.55
CA PHE B 231 18.18 -0.28 -11.88
C PHE B 231 19.33 0.54 -11.31
N ASP B 232 19.46 0.56 -9.99
CA ASP B 232 20.54 1.27 -9.33
C ASP B 232 21.63 0.21 -9.13
N VAL B 233 22.81 0.43 -9.71
CA VAL B 233 23.87 -0.56 -9.59
C VAL B 233 24.29 -0.92 -8.17
N ASP B 234 23.91 -0.11 -7.18
CA ASP B 234 24.27 -0.44 -5.80
C ASP B 234 23.24 -1.42 -5.25
N GLY B 235 22.35 -1.89 -6.13
CA GLY B 235 21.35 -2.85 -5.74
C GLY B 235 22.09 -4.18 -5.58
N LEU B 236 23.12 -4.38 -6.41
CA LEU B 236 23.93 -5.58 -6.32
C LEU B 236 25.01 -5.33 -5.30
N ASP B 237 25.54 -6.42 -4.74
CA ASP B 237 26.59 -6.33 -3.74
C ASP B 237 27.84 -5.64 -4.32
N PRO B 238 28.51 -4.80 -3.51
CA PRO B 238 29.71 -4.11 -3.99
C PRO B 238 30.84 -5.01 -4.47
N SER B 239 30.77 -6.30 -4.18
CA SER B 239 31.81 -7.21 -4.62
C SER B 239 31.65 -7.36 -6.12
N PHE B 240 30.51 -6.90 -6.63
CA PHE B 240 30.23 -6.97 -8.06
C PHE B 240 30.25 -5.59 -8.70
N THR B 241 29.66 -4.63 -7.99
CA THR B 241 29.57 -3.26 -8.47
C THR B 241 30.14 -2.26 -7.47
N PRO B 242 31.45 -2.36 -7.18
CA PRO B 242 32.13 -1.47 -6.23
C PRO B 242 32.23 0.01 -6.63
N ALA B 243 32.30 0.27 -7.94
CA ALA B 243 32.43 1.64 -8.45
C ALA B 243 31.10 2.38 -8.52
N THR B 244 30.49 2.60 -7.36
CA THR B 244 29.21 3.29 -7.25
C THR B 244 29.30 4.12 -5.96
N GLY B 245 28.62 5.26 -5.93
CA GLY B 245 28.67 6.15 -4.78
C GLY B 245 28.23 5.70 -3.40
N THR B 246 27.15 4.93 -3.33
CA THR B 246 26.65 4.48 -2.04
C THR B 246 26.47 2.97 -1.93
N PRO B 247 27.60 2.23 -1.88
CA PRO B 247 27.56 0.77 -1.77
C PRO B 247 27.14 0.31 -0.38
N VAL B 248 26.46 -0.83 -0.33
CA VAL B 248 25.99 -1.41 0.92
C VAL B 248 26.21 -2.91 0.83
N VAL B 249 26.86 -3.48 1.85
CA VAL B 249 27.15 -4.91 1.89
C VAL B 249 25.89 -5.78 2.02
N GLY B 250 26.02 -7.03 1.60
CA GLY B 250 24.89 -7.94 1.67
C GLY B 250 23.87 -7.72 0.59
N GLY B 251 24.33 -7.37 -0.61
CA GLY B 251 23.41 -7.13 -1.72
C GLY B 251 23.09 -8.34 -2.58
N LEU B 252 22.38 -8.08 -3.66
CA LEU B 252 22.00 -9.13 -4.59
C LEU B 252 23.26 -9.61 -5.28
N THR B 253 23.29 -10.89 -5.61
CA THR B 253 24.45 -11.45 -6.28
C THR B 253 24.37 -11.13 -7.76
N TYR B 254 25.45 -11.46 -8.47
CA TYR B 254 25.54 -11.24 -9.91
C TYR B 254 24.40 -12.06 -10.52
N ARG B 255 24.35 -13.31 -10.10
CA ARG B 255 23.33 -14.24 -10.55
C ARG B 255 21.91 -13.72 -10.32
N GLU B 256 21.62 -13.27 -9.09
CA GLU B 256 20.30 -12.76 -8.80
C GLU B 256 19.94 -11.56 -9.70
N GLY B 257 20.92 -10.72 -9.98
CA GLY B 257 20.69 -9.57 -10.84
C GLY B 257 20.33 -10.01 -12.26
N LEU B 258 21.03 -11.00 -12.78
CA LEU B 258 20.74 -11.50 -14.11
C LEU B 258 19.42 -12.24 -14.15
N TYR B 259 19.08 -12.94 -13.07
CA TYR B 259 17.82 -13.66 -13.04
C TYR B 259 16.67 -12.68 -13.12
N ILE B 260 16.74 -11.64 -12.31
CA ILE B 260 15.71 -10.61 -12.29
C ILE B 260 15.50 -10.04 -13.68
N THR B 261 16.60 -9.68 -14.33
CA THR B 261 16.53 -9.12 -15.68
C THR B 261 16.11 -10.14 -16.74
N GLU B 262 16.52 -11.40 -16.58
CA GLU B 262 16.13 -12.42 -17.54
C GLU B 262 14.62 -12.64 -17.43
N GLU B 263 14.10 -12.63 -16.21
CA GLU B 263 12.67 -12.83 -16.02
C GLU B 263 11.86 -11.68 -16.58
N ILE B 264 12.39 -10.46 -16.46
CA ILE B 264 11.70 -9.29 -16.97
C ILE B 264 11.66 -9.35 -18.48
N TYR B 265 12.77 -9.79 -19.06
CA TYR B 265 12.84 -9.89 -20.51
C TYR B 265 11.74 -10.83 -21.01
N LYS B 266 11.59 -11.97 -20.34
CA LYS B 266 10.62 -12.99 -20.70
C LYS B 266 9.15 -12.59 -20.64
N THR B 267 8.84 -11.50 -19.94
CA THR B 267 7.46 -11.03 -19.88
C THR B 267 7.14 -10.43 -21.24
N GLY B 268 8.18 -9.93 -21.90
CA GLY B 268 8.01 -9.29 -23.19
C GLY B 268 7.36 -7.94 -23.00
N LEU B 269 7.32 -7.46 -21.75
CA LEU B 269 6.67 -6.19 -21.44
C LEU B 269 7.57 -5.04 -21.01
N LEU B 270 8.88 -5.22 -21.08
CA LEU B 270 9.78 -4.13 -20.71
C LEU B 270 9.61 -3.00 -21.72
N SER B 271 9.51 -1.76 -21.24
CA SER B 271 9.40 -0.62 -22.16
C SER B 271 10.16 0.58 -21.64
N GLY B 272 10.72 0.45 -20.42
CA GLY B 272 11.50 1.52 -19.82
C GLY B 272 12.62 0.94 -18.99
N LEU B 273 13.85 1.41 -19.20
CA LEU B 273 15.00 0.89 -18.47
C LEU B 273 16.03 1.96 -18.08
N ASP B 274 16.40 1.98 -16.80
CA ASP B 274 17.39 2.92 -16.29
C ASP B 274 18.58 2.14 -15.72
N ILE B 275 19.79 2.48 -16.16
CA ILE B 275 21.00 1.84 -15.63
C ILE B 275 21.74 3.00 -14.94
N MET B 276 21.62 3.06 -13.61
CA MET B 276 22.18 4.15 -12.84
C MET B 276 23.29 3.90 -11.82
N GLU B 277 23.87 5.02 -11.37
CA GLU B 277 24.90 5.09 -10.34
C GLU B 277 26.26 4.48 -10.63
N VAL B 278 26.55 4.23 -11.90
CA VAL B 278 27.87 3.69 -12.24
C VAL B 278 28.85 4.87 -12.25
N ASN B 279 29.83 4.84 -11.35
CA ASN B 279 30.83 5.91 -11.28
C ASN B 279 32.22 5.31 -11.49
N PRO B 280 32.79 5.49 -12.69
CA PRO B 280 34.11 4.97 -13.08
C PRO B 280 35.27 5.54 -12.25
N SER B 281 35.00 6.60 -11.50
CA SER B 281 36.02 7.23 -10.68
C SER B 281 36.13 6.66 -9.28
N LEU B 282 35.28 5.69 -8.96
CA LEU B 282 35.26 5.11 -7.61
C LEU B 282 35.81 3.71 -7.35
N GLY B 283 36.66 3.18 -8.22
CA GLY B 283 37.19 1.87 -7.93
C GLY B 283 38.41 1.91 -7.01
N LYS B 284 38.62 0.86 -6.21
CA LYS B 284 39.80 0.81 -5.35
C LYS B 284 40.96 0.56 -6.28
N THR B 285 40.65 -0.01 -7.44
CA THR B 285 41.65 -0.34 -8.45
C THR B 285 40.99 -0.25 -9.82
N PRO B 286 41.79 -0.31 -10.90
CA PRO B 286 41.23 -0.24 -12.25
C PRO B 286 40.24 -1.39 -12.49
N GLU B 287 40.59 -2.57 -11.99
CA GLU B 287 39.74 -3.75 -12.16
C GLU B 287 38.34 -3.58 -11.57
N GLU B 288 38.24 -2.91 -10.42
CA GLU B 288 36.95 -2.72 -9.79
C GLU B 288 36.04 -1.97 -10.75
N VAL B 289 36.61 -1.02 -11.48
CA VAL B 289 35.86 -0.22 -12.43
C VAL B 289 35.37 -1.08 -13.61
N THR B 290 36.28 -1.86 -14.19
CA THR B 290 35.89 -2.71 -15.31
C THR B 290 34.88 -3.74 -14.82
N ARG B 291 35.08 -4.22 -13.61
CA ARG B 291 34.17 -5.20 -13.01
C ARG B 291 32.78 -4.59 -12.92
N THR B 292 32.71 -3.34 -12.46
CA THR B 292 31.45 -2.66 -12.31
C THR B 292 30.80 -2.47 -13.67
N VAL B 293 31.51 -1.79 -14.57
CA VAL B 293 31.02 -1.55 -15.91
C VAL B 293 30.60 -2.87 -16.57
N ASN B 294 31.40 -3.90 -16.40
CA ASN B 294 31.08 -5.21 -16.99
C ASN B 294 29.74 -5.71 -16.47
N THR B 295 29.60 -5.71 -15.16
CA THR B 295 28.39 -6.19 -14.55
C THR B 295 27.20 -5.42 -15.06
N ALA B 296 27.33 -4.09 -15.10
CA ALA B 296 26.26 -3.23 -15.58
C ALA B 296 25.90 -3.62 -17.01
N VAL B 297 26.90 -3.84 -17.84
CA VAL B 297 26.65 -4.22 -19.23
C VAL B 297 25.84 -5.52 -19.30
N ALA B 298 26.30 -6.55 -18.60
CA ALA B 298 25.63 -7.85 -18.61
C ALA B 298 24.16 -7.72 -18.25
N ILE B 299 23.87 -6.96 -17.20
CA ILE B 299 22.51 -6.77 -16.76
C ILE B 299 21.66 -6.20 -17.89
N THR B 300 22.19 -5.19 -18.58
CA THR B 300 21.46 -4.55 -19.67
C THR B 300 21.19 -5.52 -20.81
N LEU B 301 22.21 -6.30 -21.17
CA LEU B 301 22.07 -7.27 -22.25
C LEU B 301 21.02 -8.33 -21.93
N ALA B 302 20.95 -8.74 -20.65
CA ALA B 302 19.98 -9.74 -20.23
C ALA B 302 18.58 -9.13 -20.30
N CYS B 303 18.51 -7.81 -20.14
CA CYS B 303 17.24 -7.10 -20.21
C CYS B 303 16.67 -7.19 -21.62
N PHE B 304 17.55 -7.43 -22.60
CA PHE B 304 17.12 -7.50 -23.99
C PHE B 304 17.33 -8.86 -24.67
N GLY B 305 17.23 -9.92 -23.87
CA GLY B 305 17.35 -11.24 -24.45
C GLY B 305 18.51 -12.13 -24.07
N LEU B 306 19.66 -11.54 -23.73
CA LEU B 306 20.81 -12.35 -23.38
C LEU B 306 20.44 -13.29 -22.24
N ALA B 307 20.52 -14.60 -22.49
CA ALA B 307 20.19 -15.60 -21.48
C ALA B 307 21.41 -16.46 -21.17
N ARG B 308 21.57 -16.83 -19.90
CA ARG B 308 22.70 -17.67 -19.51
C ARG B 308 22.67 -19.09 -20.10
N GLU B 309 21.48 -19.56 -20.44
CA GLU B 309 21.35 -20.90 -21.01
C GLU B 309 21.87 -20.85 -22.46
N GLY B 310 22.04 -19.64 -22.97
CA GLY B 310 22.51 -19.47 -24.34
C GLY B 310 21.45 -18.86 -25.23
N ASN B 311 21.89 -18.38 -26.40
CA ASN B 311 20.98 -17.75 -27.37
C ASN B 311 21.38 -18.12 -28.79
N HIS B 312 20.42 -18.09 -29.70
CA HIS B 312 20.71 -18.36 -31.09
C HIS B 312 19.68 -17.70 -32.01
N LYS B 313 20.15 -17.24 -33.16
CA LYS B 313 19.30 -16.61 -34.14
C LYS B 313 18.46 -17.74 -34.71
N PRO B 314 17.14 -17.57 -34.80
CA PRO B 314 16.32 -18.66 -35.35
C PRO B 314 16.71 -18.93 -36.81
N ILE B 315 17.67 -19.83 -36.98
CA ILE B 315 18.20 -20.26 -38.28
C ILE B 315 18.89 -21.62 -38.08
N ASP B 316 18.70 -22.53 -39.04
CA ASP B 316 19.29 -23.86 -38.95
C ASP B 316 20.81 -23.80 -38.78
N TYR B 317 21.28 -24.13 -37.59
CA TYR B 317 22.71 -24.10 -37.29
C TYR B 317 23.46 -25.38 -37.68
N LEU B 318 22.96 -26.06 -38.70
CA LEU B 318 23.59 -27.29 -39.21
C LEU B 318 23.24 -27.44 -40.70
N ASN B 319 23.53 -26.38 -41.46
CA ASN B 319 23.27 -26.29 -42.91
C ASN B 319 23.14 -27.62 -43.64
#